data_8ZH6
#
_entry.id   8ZH6
#
_cell.length_a   1.00
_cell.length_b   1.00
_cell.length_c   1.00
_cell.angle_alpha   90.00
_cell.angle_beta   90.00
_cell.angle_gamma   90.00
#
_symmetry.space_group_name_H-M   'P 1'
#
loop_
_entity.id
_entity.type
_entity.pdbx_description
1 polymer VP1
2 polymer VP3
3 polymer VP2
#
loop_
_entity_poly.entity_id
_entity_poly.type
_entity_poly.pdbx_seq_one_letter_code
_entity_poly.pdbx_strand_id
1 'polypeptide(L)'
;GLGDLIEGVVEGVTRNALTPLTPANNLPDTQSSGPAHSKETPALTAVETGATNPLVPSDTVQTRHVIQKRTRSESTVESF
FARGACVAIIEVDNDAPTKRASKLFSVWKITYKDTVQLRRKLEFFTYSRFDMEFTFVVTSNYTDANNGHALNQVYQIMYI
PPGAPIPGKWNDYTWQTSSNPSVFYTYGAPPARISVPYVGIANAYSHFYDGFAKVPLAGQASTEGDSLYGAASLNDFGSL
AVRVVNDHNPTKLTSKIRVYMKPKHVRVWCPRPPRAVPYYGPGVDYKDGLAPLPEKGLTTY
;
A
2 'polypeptide(L)'
;GLPVLNTPGSNQYLTADNYQSPCAIPEFDVTPPIDIPGEVRNMMELAEIDTMIPLNLTNQRKNTMDMYRVELNDAAHSDT
PILCLSLSPASDPRLAHTMLGEILNYYTHWAGSLKFTFLFCGSMMATGKLLVSYAPPGAEAPKSRKEAMLGTHVIWDIGL
QSSCTMVVPWISNTTYRQTINDSFTEGGYISMFYQTRVVVPLSTPRKMDILGFVSACNDFSVRLLRDTTHISQEAMPQ
;
C
3 'polypeptide(L)'
;SPNIEACGYSDRVMQLTLGNSTITTQEAANSVVAYGRWPEYIKDSEANPVDQPTEPDVAACRFYTLDTVTWRKESRGWWW
KLPDALKDMGLFGQNMFYHYLGRAGYTVHVQCNASKFHQGALGVFAVPEMCLAGDSTTHMFTKYENANPGEKGGEFKGSF
TLDTNATNPARNFCPVDYLFGSGVLAGNAFVYPHQIINLRTNNCATLVLPYVNSLSIDSMTKHNNWGIAILPLAPLDFAT
ESSTEIPITLTIAPMCCEFNGLRNITVPRTQ
;
B
#
# COMPACT_ATOMS: atom_id res chain seq x y z
N ARG A 70 9.21 7.32 -15.44
CA ARG A 70 8.72 5.96 -15.68
C ARG A 70 9.74 5.20 -16.54
N THR A 71 9.25 4.22 -17.30
CA THR A 71 10.07 3.43 -18.22
C THR A 71 11.19 2.69 -17.49
N ARG A 72 12.12 2.11 -18.25
CA ARG A 72 13.28 1.39 -17.76
C ARG A 72 12.89 0.08 -17.08
N SER A 73 13.74 -0.93 -17.21
CA SER A 73 13.45 -2.26 -16.68
C SER A 73 13.79 -2.34 -15.20
N GLU A 74 13.60 -3.54 -14.61
CA GLU A 74 13.95 -3.87 -13.23
C GLU A 74 12.97 -3.18 -12.26
N SER A 75 12.12 -2.30 -12.79
CA SER A 75 11.11 -1.62 -12.00
C SER A 75 9.70 -2.07 -12.35
N THR A 76 9.54 -3.01 -13.28
CA THR A 76 8.22 -3.48 -13.66
C THR A 76 7.60 -4.32 -12.55
N VAL A 77 6.29 -4.54 -12.67
CA VAL A 77 5.57 -5.35 -11.68
C VAL A 77 6.12 -6.77 -11.65
N GLU A 78 6.36 -7.35 -12.83
CA GLU A 78 6.91 -8.70 -12.89
C GLU A 78 8.28 -8.77 -12.22
N SER A 79 9.15 -7.81 -12.51
CA SER A 79 10.46 -7.78 -11.88
C SER A 79 10.35 -7.56 -10.38
N PHE A 80 9.42 -6.70 -9.95
CA PHE A 80 9.26 -6.40 -8.54
C PHE A 80 8.76 -7.61 -7.76
N PHE A 81 7.85 -8.39 -8.34
CA PHE A 81 7.18 -9.46 -7.63
C PHE A 81 7.80 -10.84 -7.87
N ALA A 82 8.22 -11.14 -9.11
CA ALA A 82 8.72 -12.47 -9.41
C ALA A 82 10.13 -12.68 -8.86
N ARG A 83 10.23 -12.91 -7.55
CA ARG A 83 11.50 -13.20 -6.91
C ARG A 83 11.32 -14.37 -5.96
N GLY A 84 12.27 -15.30 -6.00
CA GLY A 84 12.19 -16.49 -5.17
C GLY A 84 12.54 -16.19 -3.72
N ALA A 85 11.76 -16.78 -2.81
CA ALA A 85 11.98 -16.59 -1.39
C ALA A 85 11.38 -17.78 -0.65
N CYS A 86 11.96 -18.10 0.51
CA CYS A 86 11.47 -19.20 1.33
C CYS A 86 10.21 -18.76 2.06
N VAL A 87 9.17 -19.57 1.98
CA VAL A 87 7.88 -19.23 2.58
C VAL A 87 7.43 -20.23 3.63
N ALA A 88 8.01 -21.43 3.67
CA ALA A 88 7.56 -22.44 4.62
C ALA A 88 8.68 -23.44 4.86
N ILE A 89 8.70 -24.01 6.08
CA ILE A 89 9.61 -25.08 6.44
C ILE A 89 8.77 -26.22 7.02
N ILE A 90 8.96 -27.42 6.49
CA ILE A 90 8.15 -28.59 6.85
C ILE A 90 9.06 -29.62 7.50
N GLU A 91 8.65 -30.10 8.67
CA GLU A 91 9.39 -31.13 9.42
C GLU A 91 8.67 -32.47 9.28
N VAL A 92 9.41 -33.49 8.88
CA VAL A 92 8.86 -34.84 8.70
C VAL A 92 9.79 -35.84 9.37
N ASP A 93 9.23 -36.99 9.75
CA ASP A 93 9.97 -38.10 10.31
C ASP A 93 9.69 -39.36 9.52
N ASN A 94 10.37 -40.45 9.91
CA ASN A 94 10.23 -41.73 9.22
C ASN A 94 9.60 -42.81 10.08
N ASP A 95 10.18 -43.11 11.23
CA ASP A 95 9.69 -44.17 12.12
C ASP A 95 10.46 -44.08 13.42
N ALA A 96 10.20 -45.05 14.31
CA ALA A 96 10.87 -45.17 15.60
C ALA A 96 10.69 -43.90 16.44
N PRO A 97 9.49 -43.64 16.95
CA PRO A 97 9.30 -42.40 17.74
C PRO A 97 10.20 -42.33 18.96
N THR A 98 10.45 -43.45 19.62
CA THR A 98 11.33 -43.53 20.79
C THR A 98 10.80 -42.69 21.93
N LYS A 99 10.92 -41.36 21.82
CA LYS A 99 10.39 -40.44 22.81
C LYS A 99 9.70 -39.22 22.21
N ARG A 100 9.69 -39.08 20.88
CA ARG A 100 9.08 -37.94 20.22
C ARG A 100 7.72 -38.33 19.65
N ALA A 101 6.99 -37.31 19.18
CA ALA A 101 5.69 -37.56 18.56
C ALA A 101 5.82 -38.21 17.19
N SER A 102 7.00 -38.15 16.58
CA SER A 102 7.26 -38.74 15.26
C SER A 102 6.28 -38.21 14.22
N LYS A 103 6.29 -36.89 14.03
CA LYS A 103 5.40 -36.26 13.05
C LYS A 103 5.79 -36.66 11.64
N LEU A 104 4.92 -37.43 10.97
CA LEU A 104 5.16 -37.85 9.59
C LEU A 104 4.72 -36.80 8.58
N PHE A 105 3.92 -35.83 8.99
CA PHE A 105 3.49 -34.75 8.12
C PHE A 105 3.04 -33.59 8.99
N SER A 106 3.04 -32.39 8.39
CA SER A 106 2.64 -31.20 9.12
C SER A 106 1.52 -30.45 8.40
N VAL A 107 1.58 -30.44 7.07
CA VAL A 107 0.64 -29.73 6.20
C VAL A 107 0.76 -28.22 6.41
N TRP A 108 0.87 -27.48 5.30
CA TRP A 108 1.03 -26.04 5.35
C TRP A 108 0.03 -25.40 4.39
N LYS A 109 -0.76 -24.47 4.90
CA LYS A 109 -1.69 -23.71 4.07
C LYS A 109 -0.91 -22.64 3.31
N ILE A 110 -1.05 -22.62 1.98
CA ILE A 110 -0.29 -21.68 1.17
C ILE A 110 -0.84 -20.28 1.40
N THR A 111 0.02 -19.39 1.91
CA THR A 111 -0.36 -18.01 2.16
C THR A 111 0.89 -17.14 2.13
N TYR A 112 0.67 -15.84 1.92
CA TYR A 112 1.75 -14.87 1.86
C TYR A 112 1.92 -14.09 3.16
N LYS A 113 1.18 -14.43 4.20
CA LYS A 113 1.28 -13.73 5.48
C LYS A 113 2.47 -14.18 6.32
N ASP A 114 3.09 -15.30 5.98
CA ASP A 114 4.21 -15.81 6.76
C ASP A 114 5.52 -15.10 6.45
N THR A 115 5.62 -14.39 5.33
CA THR A 115 6.82 -13.65 4.96
C THR A 115 6.48 -12.17 4.91
N VAL A 116 7.24 -11.37 5.66
CA VAL A 116 6.92 -9.94 5.77
C VAL A 116 7.19 -9.22 4.45
N GLN A 117 8.25 -9.61 3.73
CA GLN A 117 8.61 -8.93 2.49
C GLN A 117 7.55 -9.15 1.41
N LEU A 118 7.18 -10.40 1.17
CA LEU A 118 6.17 -10.69 0.16
C LEU A 118 4.82 -10.11 0.56
N ARG A 119 4.49 -10.18 1.86
CA ARG A 119 3.24 -9.57 2.34
C ARG A 119 3.21 -8.08 2.05
N ARG A 120 4.30 -7.38 2.36
CA ARG A 120 4.35 -5.94 2.12
C ARG A 120 4.27 -5.63 0.64
N LYS A 121 4.94 -6.44 -0.19
CA LYS A 121 4.87 -6.23 -1.64
C LYS A 121 3.45 -6.39 -2.17
N LEU A 122 2.74 -7.41 -1.67
CA LEU A 122 1.40 -7.67 -2.17
C LEU A 122 0.38 -6.68 -1.61
N GLU A 123 0.59 -6.18 -0.39
CA GLU A 123 -0.33 -5.21 0.21
C GLU A 123 -0.29 -3.86 -0.49
N PHE A 124 0.68 -3.62 -1.37
CA PHE A 124 0.75 -2.37 -2.11
C PHE A 124 -0.42 -2.19 -3.07
N PHE A 125 -1.15 -3.26 -3.38
CA PHE A 125 -2.28 -3.21 -4.30
C PHE A 125 -3.44 -3.98 -3.69
N THR A 126 -4.64 -3.70 -4.19
CA THR A 126 -5.85 -4.34 -3.70
C THR A 126 -6.12 -5.68 -4.38
N TYR A 127 -6.07 -5.72 -5.70
CA TYR A 127 -6.36 -6.92 -6.47
C TYR A 127 -5.13 -7.33 -7.27
N SER A 128 -4.87 -8.64 -7.31
CA SER A 128 -3.69 -9.14 -7.99
C SER A 128 -3.99 -10.50 -8.60
N ARG A 129 -3.31 -10.82 -9.69
CA ARG A 129 -3.37 -12.12 -10.34
C ARG A 129 -1.95 -12.59 -10.63
N PHE A 130 -1.66 -13.83 -10.28
CA PHE A 130 -0.33 -14.38 -10.49
C PHE A 130 -0.40 -15.90 -10.37
N ASP A 131 0.59 -16.56 -10.97
CA ASP A 131 0.79 -18.00 -10.84
C ASP A 131 1.95 -18.27 -9.90
N MET A 132 1.83 -19.37 -9.15
CA MET A 132 2.80 -19.71 -8.11
C MET A 132 3.64 -20.89 -8.55
N GLU A 133 4.96 -20.74 -8.48
CA GLU A 133 5.91 -21.81 -8.76
C GLU A 133 6.55 -22.24 -7.45
N PHE A 134 6.41 -23.51 -7.10
CA PHE A 134 6.89 -24.03 -5.83
C PHE A 134 8.13 -24.88 -6.05
N THR A 135 9.18 -24.59 -5.29
CA THR A 135 10.42 -25.37 -5.31
C THR A 135 10.66 -25.93 -3.92
N PHE A 136 10.90 -27.23 -3.83
CA PHE A 136 11.08 -27.93 -2.56
C PHE A 136 12.51 -28.44 -2.46
N VAL A 137 13.19 -28.08 -1.38
CA VAL A 137 14.54 -28.53 -1.09
C VAL A 137 14.49 -29.36 0.19
N VAL A 138 14.89 -30.62 0.11
CA VAL A 138 14.81 -31.55 1.23
C VAL A 138 16.22 -31.89 1.70
N THR A 139 16.46 -31.70 3.00
CA THR A 139 17.73 -32.04 3.61
C THR A 139 17.45 -33.00 4.77
N SER A 140 18.06 -34.18 4.73
CA SER A 140 17.88 -35.18 5.76
C SER A 140 19.07 -35.17 6.73
N ASN A 141 18.81 -35.66 7.94
CA ASN A 141 19.83 -35.67 8.99
C ASN A 141 19.66 -36.93 9.82
N TYR A 142 20.79 -37.55 10.18
CA TYR A 142 20.79 -38.71 11.07
C TYR A 142 20.80 -38.20 12.51
N THR A 143 19.74 -38.52 13.27
CA THR A 143 19.66 -38.09 14.65
C THR A 143 20.78 -38.69 15.49
N ASP A 144 21.05 -39.98 15.30
CA ASP A 144 22.17 -40.64 15.96
C ASP A 144 23.23 -40.97 14.91
N ALA A 145 24.49 -40.62 15.22
CA ALA A 145 25.54 -40.72 14.22
C ALA A 145 25.91 -42.18 13.92
N ASN A 146 25.57 -43.10 14.82
CA ASN A 146 26.01 -44.49 14.72
C ASN A 146 24.79 -45.41 14.76
N ASN A 147 23.78 -45.08 13.96
CA ASN A 147 22.64 -45.98 13.77
C ASN A 147 22.83 -46.96 12.62
N GLY A 148 23.67 -46.62 11.64
CA GLY A 148 23.88 -47.48 10.48
C GLY A 148 23.40 -46.82 9.19
N HIS A 149 23.88 -47.32 8.06
CA HIS A 149 23.49 -46.78 6.77
C HIS A 149 22.03 -47.10 6.49
N ALA A 150 21.28 -46.09 6.04
CA ALA A 150 19.88 -46.25 5.71
C ALA A 150 19.68 -46.17 4.20
N LEU A 151 18.61 -46.79 3.72
CA LEU A 151 18.28 -46.75 2.30
C LEU A 151 17.88 -45.33 1.91
N ASN A 152 18.02 -45.04 0.62
CA ASN A 152 17.73 -43.70 0.12
C ASN A 152 16.27 -43.36 0.33
N GLN A 153 16.01 -42.16 0.85
CA GLN A 153 14.67 -41.75 1.24
C GLN A 153 13.89 -41.24 0.04
N VAL A 154 12.59 -41.55 0.04
CA VAL A 154 11.66 -41.07 -0.98
C VAL A 154 10.57 -40.27 -0.28
N TYR A 155 10.35 -39.04 -0.75
CA TYR A 155 9.39 -38.13 -0.14
C TYR A 155 8.26 -37.85 -1.12
N GLN A 156 7.03 -37.81 -0.61
CA GLN A 156 5.85 -37.52 -1.39
C GLN A 156 5.36 -36.13 -1.05
N ILE A 157 5.29 -35.26 -2.05
CA ILE A 157 4.79 -33.89 -1.89
C ILE A 157 3.49 -33.79 -2.68
N MET A 158 2.38 -33.54 -1.98
CA MET A 158 1.06 -33.50 -2.58
C MET A 158 0.49 -32.10 -2.46
N TYR A 159 -0.05 -31.59 -3.57
CA TYR A 159 -0.73 -30.30 -3.58
C TYR A 159 -2.22 -30.53 -3.40
N ILE A 160 -2.81 -29.86 -2.41
CA ILE A 160 -4.22 -29.99 -2.09
C ILE A 160 -4.97 -28.83 -2.72
N PRO A 161 -5.84 -29.06 -3.70
CA PRO A 161 -6.59 -27.96 -4.31
C PRO A 161 -7.57 -27.36 -3.32
N PRO A 162 -7.98 -26.11 -3.51
CA PRO A 162 -8.95 -25.50 -2.59
C PRO A 162 -10.26 -26.28 -2.56
N GLY A 163 -10.81 -26.41 -1.35
CA GLY A 163 -12.03 -27.16 -1.14
C GLY A 163 -11.85 -28.64 -0.92
N ALA A 164 -10.63 -29.16 -1.06
CA ALA A 164 -10.35 -30.58 -0.84
C ALA A 164 -10.08 -30.85 0.63
N PRO A 165 -10.36 -32.07 1.09
CA PRO A 165 -10.11 -32.40 2.49
C PRO A 165 -8.63 -32.36 2.82
N ILE A 166 -8.33 -32.00 4.07
CA ILE A 166 -6.96 -31.92 4.57
C ILE A 166 -6.60 -33.25 5.21
N PRO A 167 -5.43 -33.82 4.88
CA PRO A 167 -5.04 -35.09 5.50
C PRO A 167 -4.95 -34.98 7.01
N GLY A 168 -5.37 -36.04 7.69
CA GLY A 168 -5.32 -36.10 9.14
C GLY A 168 -4.50 -37.27 9.65
N LYS A 169 -4.28 -38.26 8.78
CA LYS A 169 -3.51 -39.44 9.14
C LYS A 169 -2.54 -39.75 8.00
N TRP A 170 -1.46 -40.46 8.35
CA TRP A 170 -0.43 -40.79 7.37
C TRP A 170 -0.97 -41.72 6.28
N ASN A 171 -1.84 -42.66 6.65
CA ASN A 171 -2.35 -43.66 5.74
C ASN A 171 -3.86 -43.51 5.53
N ASP A 172 -4.32 -42.27 5.37
CA ASP A 172 -5.72 -42.01 5.12
C ASP A 172 -6.00 -41.99 3.61
N TYR A 173 -7.26 -41.73 3.25
CA TYR A 173 -7.66 -41.77 1.85
C TYR A 173 -7.15 -40.57 1.06
N THR A 174 -6.79 -39.49 1.75
CA THR A 174 -6.37 -38.28 1.05
C THR A 174 -5.01 -38.45 0.37
N TRP A 175 -4.23 -39.44 0.81
CA TRP A 175 -2.91 -39.68 0.24
C TRP A 175 -2.94 -40.59 -0.98
N GLN A 176 -4.11 -41.03 -1.41
CA GLN A 176 -4.23 -41.88 -2.59
C GLN A 176 -4.14 -41.11 -3.90
N THR A 177 -4.12 -39.77 -3.84
CA THR A 177 -3.96 -38.92 -5.02
C THR A 177 -5.00 -39.22 -6.09
N SER A 178 -6.25 -39.45 -5.66
CA SER A 178 -7.33 -39.65 -6.62
C SER A 178 -7.55 -38.41 -7.47
N SER A 179 -7.53 -37.23 -6.84
CA SER A 179 -7.66 -35.97 -7.56
C SER A 179 -6.68 -34.92 -7.08
N ASN A 180 -5.83 -35.22 -6.10
CA ASN A 180 -4.87 -34.25 -5.58
C ASN A 180 -3.54 -34.45 -6.28
N PRO A 181 -3.00 -33.45 -6.99
CA PRO A 181 -1.70 -33.61 -7.63
C PRO A 181 -0.61 -33.91 -6.60
N SER A 182 0.30 -34.79 -6.98
CA SER A 182 1.39 -35.20 -6.10
C SER A 182 2.65 -35.43 -6.91
N VAL A 183 3.80 -35.20 -6.26
CA VAL A 183 5.11 -35.42 -6.86
C VAL A 183 5.97 -36.19 -5.88
N PHE A 184 6.69 -37.18 -6.38
CA PHE A 184 7.58 -38.00 -5.56
C PHE A 184 9.02 -37.53 -5.77
N TYR A 185 9.69 -37.22 -4.67
CA TYR A 185 11.05 -36.71 -4.70
C TYR A 185 12.00 -37.75 -4.11
N THR A 186 13.09 -38.01 -4.81
CA THR A 186 14.12 -38.95 -4.37
C THR A 186 15.32 -38.16 -3.85
N TYR A 187 15.84 -38.58 -2.70
CA TYR A 187 16.97 -37.87 -2.10
C TYR A 187 18.18 -37.94 -3.01
N GLY A 188 18.85 -36.78 -3.19
CA GLY A 188 19.97 -36.65 -4.09
C GLY A 188 19.61 -36.13 -5.46
N ALA A 189 18.33 -36.20 -5.83
CA ALA A 189 17.87 -35.68 -7.11
C ALA A 189 17.78 -34.15 -7.05
N PRO A 190 17.71 -33.50 -8.21
CA PRO A 190 17.50 -32.05 -8.21
C PRO A 190 16.19 -31.71 -7.52
N PRO A 191 16.12 -30.54 -6.88
CA PRO A 191 14.92 -30.19 -6.10
C PRO A 191 13.66 -30.22 -6.94
N ALA A 192 12.58 -30.70 -6.33
CA ALA A 192 11.30 -30.80 -7.02
C ALA A 192 10.74 -29.41 -7.32
N ARG A 193 10.05 -29.30 -8.45
CA ARG A 193 9.49 -28.03 -8.88
C ARG A 193 8.13 -28.28 -9.51
N ILE A 194 7.12 -27.53 -9.05
CA ILE A 194 5.76 -27.61 -9.58
C ILE A 194 5.25 -26.21 -9.82
N SER A 195 4.23 -26.11 -10.69
CA SER A 195 3.63 -24.84 -11.04
C SER A 195 2.13 -24.92 -10.77
N VAL A 196 1.63 -23.99 -9.97
CA VAL A 196 0.21 -23.91 -9.62
C VAL A 196 -0.39 -22.70 -10.31
N PRO A 197 -1.34 -22.88 -11.22
CA PRO A 197 -1.95 -21.74 -11.92
C PRO A 197 -2.93 -21.00 -11.00
N TYR A 198 -3.61 -20.02 -11.58
CA TYR A 198 -4.61 -19.24 -10.86
C TYR A 198 -5.75 -20.14 -10.41
N VAL A 199 -5.89 -20.33 -9.09
CA VAL A 199 -6.89 -21.24 -8.55
C VAL A 199 -7.92 -20.46 -7.75
N GLY A 200 -8.00 -19.14 -8.00
CA GLY A 200 -8.97 -18.33 -7.30
C GLY A 200 -10.38 -18.51 -7.81
N ILE A 201 -11.34 -18.16 -6.97
CA ILE A 201 -12.75 -18.26 -7.34
C ILE A 201 -13.25 -16.99 -8.00
N ALA A 202 -12.77 -15.83 -7.56
CA ALA A 202 -13.12 -14.56 -8.19
C ALA A 202 -12.23 -14.31 -9.39
N ASN A 203 -12.40 -13.14 -10.01
CA ASN A 203 -11.59 -12.78 -11.16
C ASN A 203 -10.19 -12.29 -10.78
N ALA A 204 -9.95 -12.02 -9.50
CA ALA A 204 -8.65 -11.59 -9.02
C ALA A 204 -8.59 -11.78 -7.51
N TYR A 205 -7.37 -12.01 -7.01
CA TYR A 205 -7.18 -12.16 -5.57
C TYR A 205 -7.47 -10.85 -4.85
N SER A 206 -8.14 -10.94 -3.71
CA SER A 206 -8.54 -9.77 -2.94
C SER A 206 -7.71 -9.70 -1.66
N HIS A 207 -6.77 -8.75 -1.63
CA HIS A 207 -5.99 -8.53 -0.42
C HIS A 207 -6.75 -7.77 0.65
N PHE A 208 -7.81 -7.05 0.27
CA PHE A 208 -8.67 -6.36 1.22
C PHE A 208 -10.12 -6.66 0.90
N TYR A 209 -10.93 -6.82 1.94
CA TYR A 209 -12.36 -7.04 1.78
C TYR A 209 -13.08 -6.33 2.93
N ASP A 210 -13.95 -5.38 2.58
CA ASP A 210 -14.71 -4.62 3.56
C ASP A 210 -16.16 -5.10 3.48
N GLY A 211 -16.50 -6.06 4.33
CA GLY A 211 -17.84 -6.60 4.34
C GLY A 211 -17.85 -7.98 4.96
N PHE A 212 -18.94 -8.70 4.70
CA PHE A 212 -19.11 -10.04 5.23
C PHE A 212 -19.05 -11.10 4.14
N ALA A 232 -12.11 -11.69 2.58
CA ALA A 232 -11.60 -12.41 1.41
C ALA A 232 -10.09 -12.47 1.42
N SER A 233 -9.49 -12.22 2.59
CA SER A 233 -8.04 -12.32 2.72
C SER A 233 -7.56 -13.75 2.52
N LEU A 234 -8.39 -14.73 2.87
CA LEU A 234 -8.07 -16.14 2.65
C LEU A 234 -8.39 -16.48 1.20
N ASN A 235 -7.49 -16.12 0.31
CA ASN A 235 -7.70 -16.31 -1.13
C ASN A 235 -7.33 -17.73 -1.54
N ASP A 236 -7.93 -18.72 -0.89
CA ASP A 236 -7.74 -20.14 -1.20
C ASP A 236 -6.27 -20.52 -1.19
N PHE A 237 -5.67 -20.60 -2.38
CA PHE A 237 -4.28 -20.98 -2.64
C PHE A 237 -4.00 -22.45 -2.34
N GLY A 238 -4.96 -23.21 -1.83
CA GLY A 238 -4.72 -24.60 -1.53
C GLY A 238 -3.79 -24.78 -0.36
N SER A 239 -3.13 -25.94 -0.31
CA SER A 239 -2.20 -26.26 0.75
C SER A 239 -1.25 -27.35 0.25
N LEU A 240 -0.14 -27.53 0.97
CA LEU A 240 0.87 -28.50 0.63
C LEU A 240 1.08 -29.45 1.79
N ALA A 241 1.25 -30.74 1.47
CA ALA A 241 1.51 -31.78 2.46
C ALA A 241 2.66 -32.65 1.98
N VAL A 242 3.60 -32.92 2.89
CA VAL A 242 4.78 -33.72 2.60
C VAL A 242 4.85 -34.86 3.61
N ARG A 243 5.09 -36.08 3.12
CA ARG A 243 5.19 -37.25 3.96
C ARG A 243 6.27 -38.17 3.43
N VAL A 244 6.72 -39.10 4.28
CA VAL A 244 7.70 -40.10 3.92
C VAL A 244 6.99 -41.40 3.63
N VAL A 245 7.25 -41.98 2.46
CA VAL A 245 6.58 -43.19 2.01
C VAL A 245 7.47 -44.41 2.14
N ASN A 246 8.59 -44.29 2.84
CA ASN A 246 9.48 -45.43 3.05
C ASN A 246 8.89 -46.40 4.06
N ASP A 247 9.32 -47.66 3.97
CA ASP A 247 8.82 -48.70 4.85
C ASP A 247 9.38 -48.53 6.27
N HIS A 248 9.01 -49.46 7.14
CA HIS A 248 9.47 -49.42 8.52
C HIS A 248 10.97 -49.63 8.60
N ASN A 249 11.67 -48.61 9.10
CA ASN A 249 13.12 -48.66 9.25
C ASN A 249 13.51 -48.45 10.70
N PRO A 250 14.33 -49.32 11.29
CA PRO A 250 14.73 -49.11 12.69
C PRO A 250 15.47 -47.81 12.92
N THR A 251 16.24 -47.35 11.93
CA THR A 251 17.00 -46.12 12.09
C THR A 251 16.06 -44.91 12.16
N LYS A 252 16.53 -43.85 12.81
CA LYS A 252 15.76 -42.63 12.98
C LYS A 252 16.33 -41.55 12.06
N LEU A 253 15.46 -40.92 11.27
CA LEU A 253 15.85 -39.87 10.35
C LEU A 253 14.90 -38.68 10.48
N THR A 254 15.46 -37.48 10.33
CA THR A 254 14.70 -36.25 10.35
C THR A 254 15.04 -35.45 9.11
N SER A 255 14.02 -34.98 8.40
CA SER A 255 14.20 -34.24 7.16
C SER A 255 13.46 -32.93 7.22
N LYS A 256 14.07 -31.89 6.65
CA LYS A 256 13.49 -30.55 6.58
C LYS A 256 13.28 -30.18 5.12
N ILE A 257 12.07 -29.73 4.79
CA ILE A 257 11.71 -29.35 3.43
C ILE A 257 11.53 -27.85 3.39
N ARG A 258 12.35 -27.19 2.57
CA ARG A 258 12.25 -25.75 2.37
C ARG A 258 11.41 -25.47 1.12
N VAL A 259 10.35 -24.68 1.28
CA VAL A 259 9.42 -24.39 0.21
C VAL A 259 9.69 -22.97 -0.28
N TYR A 260 10.03 -22.83 -1.55
CA TYR A 260 10.24 -21.54 -2.18
C TYR A 260 9.15 -21.26 -3.20
N MET A 261 8.51 -20.11 -3.07
CA MET A 261 7.40 -19.72 -3.95
C MET A 261 7.82 -18.51 -4.76
N LYS A 262 7.77 -18.64 -6.09
CA LYS A 262 8.10 -17.55 -6.98
C LYS A 262 6.88 -17.18 -7.82
N PRO A 263 6.25 -16.03 -7.57
CA PRO A 263 5.09 -15.64 -8.37
C PRO A 263 5.47 -15.42 -9.83
N LYS A 264 4.53 -15.73 -10.72
CA LYS A 264 4.72 -15.56 -12.15
C LYS A 264 3.50 -14.91 -12.76
N HIS A 265 3.72 -14.14 -13.83
CA HIS A 265 2.66 -13.44 -14.55
C HIS A 265 1.86 -12.54 -13.59
N VAL A 266 2.57 -11.72 -12.85
CA VAL A 266 1.97 -10.90 -11.80
C VAL A 266 1.32 -9.67 -12.43
N ARG A 267 0.03 -9.49 -12.15
CA ARG A 267 -0.71 -8.30 -12.54
C ARG A 267 -1.38 -7.73 -11.31
N VAL A 268 -1.37 -6.39 -11.19
CA VAL A 268 -1.87 -5.73 -9.99
C VAL A 268 -2.86 -4.64 -10.38
N TRP A 269 -3.72 -4.30 -9.42
CA TRP A 269 -4.73 -3.27 -9.62
C TRP A 269 -4.93 -2.50 -8.32
N CYS A 270 -5.43 -1.27 -8.45
CA CYS A 270 -5.85 -0.45 -7.32
C CYS A 270 -4.71 -0.24 -6.32
N PRO A 271 -3.72 0.59 -6.66
CA PRO A 271 -2.57 0.77 -5.77
C PRO A 271 -2.97 1.29 -4.39
N ARG A 272 -2.23 0.84 -3.39
CA ARG A 272 -2.47 1.17 -2.00
C ARG A 272 -1.16 1.66 -1.36
N PRO A 273 -1.26 2.49 -0.33
CA PRO A 273 -0.05 3.00 0.31
C PRO A 273 0.65 1.92 1.12
N PRO A 274 1.94 2.06 1.37
CA PRO A 274 2.67 1.03 2.11
C PRO A 274 2.29 1.00 3.58
N ARG A 275 2.47 -0.17 4.19
CA ARG A 275 2.22 -0.33 5.61
C ARG A 275 3.28 0.40 6.42
N ALA A 276 2.83 1.15 7.44
CA ALA A 276 3.72 1.99 8.24
C ALA A 276 3.90 1.48 9.67
N VAL A 277 3.20 0.44 10.08
CA VAL A 277 3.30 -0.08 11.44
C VAL A 277 3.57 -1.57 11.37
N PRO A 278 4.20 -2.14 12.40
CA PRO A 278 4.43 -3.59 12.40
C PRO A 278 3.13 -4.37 12.39
N TYR A 279 3.15 -5.51 11.73
CA TYR A 279 1.97 -6.35 11.61
C TYR A 279 1.66 -7.06 12.91
N TYR A 280 0.37 -7.10 13.27
CA TYR A 280 -0.11 -7.84 14.43
C TYR A 280 -1.29 -8.70 13.97
N GLY A 281 -1.04 -9.99 13.77
CA GLY A 281 -2.06 -10.89 13.31
C GLY A 281 -2.21 -10.88 11.80
N PRO A 282 -3.18 -11.63 11.28
CA PRO A 282 -3.40 -11.69 9.83
C PRO A 282 -4.29 -10.58 9.29
N GLY A 283 -4.80 -9.71 10.13
CA GLY A 283 -5.66 -8.61 9.73
C GLY A 283 -4.90 -7.31 9.56
N VAL A 284 -5.63 -6.20 9.67
CA VAL A 284 -5.07 -4.88 9.54
C VAL A 284 -5.02 -4.15 10.89
N ASP A 285 -5.13 -4.89 11.98
CA ASP A 285 -5.12 -4.28 13.31
C ASP A 285 -3.76 -3.66 13.60
N TYR A 286 -3.79 -2.52 14.29
CA TYR A 286 -2.58 -1.80 14.66
C TYR A 286 -2.66 -1.37 16.13
N LYS A 287 -1.50 -1.19 16.73
CA LYS A 287 -1.41 -0.80 18.13
C LYS A 287 -0.58 0.46 18.30
N LEU B 5 30.39 -34.50 -14.72
CA LEU B 5 31.03 -33.63 -13.75
C LEU B 5 30.03 -32.71 -13.07
N ASN B 6 30.09 -32.65 -11.74
CA ASN B 6 29.19 -31.80 -10.96
C ASN B 6 29.79 -30.42 -10.80
N THR B 7 29.11 -29.42 -11.34
CA THR B 7 29.53 -28.03 -11.30
C THR B 7 28.39 -27.18 -10.78
N PRO B 8 28.70 -26.02 -10.17
CA PRO B 8 27.62 -25.14 -9.71
C PRO B 8 26.73 -24.70 -10.87
N GLY B 9 25.43 -24.58 -10.58
CA GLY B 9 24.45 -24.26 -11.59
C GLY B 9 23.79 -25.45 -12.26
N SER B 10 24.27 -26.67 -11.98
CA SER B 10 23.70 -27.88 -12.56
C SER B 10 23.06 -28.69 -11.43
N ASN B 11 21.81 -29.11 -11.65
CA ASN B 11 21.04 -29.88 -10.67
C ASN B 11 20.94 -29.15 -9.33
N GLN B 12 20.81 -27.83 -9.36
CA GLN B 12 20.69 -27.02 -8.17
C GLN B 12 19.68 -25.90 -8.41
N TYR B 13 18.92 -25.59 -7.36
CA TYR B 13 17.90 -24.55 -7.43
C TYR B 13 18.58 -23.18 -7.35
N LEU B 14 18.20 -22.29 -8.26
CA LEU B 14 18.73 -20.93 -8.31
C LEU B 14 17.59 -19.95 -8.04
N THR B 15 17.87 -18.93 -7.23
CA THR B 15 16.86 -17.94 -6.90
C THR B 15 16.40 -17.16 -8.12
N ALA B 16 17.33 -16.77 -9.00
CA ALA B 16 17.01 -16.04 -10.21
C ALA B 16 16.90 -16.95 -11.44
N ASP B 17 16.46 -18.19 -11.23
CA ASP B 17 16.32 -19.15 -12.30
C ASP B 17 15.04 -18.91 -13.08
N ASN B 18 15.04 -19.35 -14.35
CA ASN B 18 13.86 -19.15 -15.21
C ASN B 18 13.83 -20.27 -16.24
N TYR B 19 13.03 -21.30 -15.96
CA TYR B 19 12.67 -22.31 -16.95
C TYR B 19 11.19 -22.62 -16.81
N GLN B 20 10.72 -23.55 -17.64
CA GLN B 20 9.33 -24.00 -17.60
C GLN B 20 9.16 -25.04 -16.50
N SER B 21 7.97 -25.08 -15.92
CA SER B 21 7.68 -25.98 -14.81
C SER B 21 6.51 -26.88 -15.15
N PRO B 22 6.50 -28.11 -14.63
CA PRO B 22 5.33 -28.99 -14.83
C PRO B 22 4.09 -28.37 -14.22
N CYS B 23 2.95 -28.56 -14.89
CA CYS B 23 1.68 -28.00 -14.43
C CYS B 23 1.05 -28.95 -13.43
N ALA B 24 0.81 -28.44 -12.20
CA ALA B 24 0.18 -29.26 -11.19
C ALA B 24 -1.26 -29.62 -11.55
N ILE B 25 -2.00 -28.68 -12.14
CA ILE B 25 -3.40 -28.91 -12.51
C ILE B 25 -3.56 -28.62 -13.99
N PRO B 26 -3.21 -29.56 -14.87
CA PRO B 26 -3.37 -29.31 -16.31
C PRO B 26 -4.84 -29.18 -16.70
N GLU B 27 -5.08 -28.40 -17.75
CA GLU B 27 -6.41 -28.17 -18.30
C GLU B 27 -7.36 -27.61 -17.24
N PHE B 28 -6.86 -26.68 -16.42
CA PHE B 28 -7.66 -26.03 -15.39
C PHE B 28 -8.37 -24.82 -15.99
N ASP B 29 -9.65 -24.68 -15.67
CA ASP B 29 -10.47 -23.58 -16.18
C ASP B 29 -10.16 -22.32 -15.39
N VAL B 30 -9.10 -21.63 -15.82
CA VAL B 30 -8.70 -20.38 -15.17
C VAL B 30 -9.73 -19.30 -15.46
N THR B 31 -10.13 -18.58 -14.41
CA THR B 31 -11.13 -17.53 -14.58
C THR B 31 -10.57 -16.40 -15.46
N PRO B 32 -11.27 -16.02 -16.52
CA PRO B 32 -10.75 -14.95 -17.38
C PRO B 32 -10.68 -13.65 -16.62
N PRO B 33 -9.69 -12.80 -16.92
CA PRO B 33 -9.58 -11.52 -16.24
C PRO B 33 -10.64 -10.53 -16.72
N ILE B 34 -10.83 -9.48 -15.92
CA ILE B 34 -11.78 -8.42 -16.22
C ILE B 34 -11.07 -7.08 -16.10
N ASP B 35 -11.66 -6.06 -16.72
CA ASP B 35 -11.07 -4.72 -16.78
C ASP B 35 -11.28 -4.04 -15.42
N ILE B 36 -10.42 -4.39 -14.47
CA ILE B 36 -10.42 -3.78 -13.15
C ILE B 36 -9.74 -2.42 -13.25
N PRO B 37 -10.38 -1.33 -12.83
CA PRO B 37 -9.74 -0.02 -12.89
C PRO B 37 -8.50 0.02 -12.01
N GLY B 38 -7.50 0.77 -12.47
CA GLY B 38 -6.26 0.91 -11.73
C GLY B 38 -5.18 -0.08 -12.08
N GLU B 39 -5.16 -0.60 -13.30
CA GLU B 39 -4.10 -1.51 -13.72
C GLU B 39 -2.78 -0.77 -13.83
N VAL B 40 -1.72 -1.37 -13.30
CA VAL B 40 -0.40 -0.76 -13.24
C VAL B 40 0.60 -1.73 -13.84
N ARG B 41 1.45 -1.24 -14.75
CA ARG B 41 2.50 -2.06 -15.35
C ARG B 41 3.83 -1.97 -14.61
N ASN B 42 4.18 -0.81 -14.07
CA ASN B 42 5.51 -0.55 -13.55
C ASN B 42 5.41 0.12 -12.18
N MET B 43 6.41 -0.15 -11.33
CA MET B 43 6.42 0.42 -9.99
C MET B 43 6.63 1.94 -10.02
N MET B 44 7.09 2.48 -11.15
CA MET B 44 7.33 3.91 -11.25
C MET B 44 6.04 4.71 -11.26
N GLU B 45 4.90 4.03 -11.45
CA GLU B 45 3.61 4.72 -11.37
C GLU B 45 3.38 5.31 -9.99
N LEU B 46 3.80 4.60 -8.94
CA LEU B 46 3.61 5.08 -7.58
C LEU B 46 4.55 6.22 -7.23
N ALA B 47 5.74 6.25 -7.82
CA ALA B 47 6.71 7.29 -7.50
C ALA B 47 6.30 8.65 -8.04
N GLU B 48 5.51 8.70 -9.10
CA GLU B 48 5.09 9.96 -9.70
C GLU B 48 3.85 10.56 -9.02
N ILE B 49 3.28 9.87 -8.05
CA ILE B 49 2.10 10.35 -7.34
C ILE B 49 2.55 11.27 -6.22
N ASP B 50 1.89 12.44 -6.11
CA ASP B 50 2.24 13.39 -5.07
C ASP B 50 1.97 12.81 -3.69
N THR B 51 2.90 13.08 -2.76
CA THR B 51 2.80 12.58 -1.40
C THR B 51 3.13 13.70 -0.44
N MET B 52 2.29 13.89 0.58
CA MET B 52 2.52 14.94 1.56
C MET B 52 3.80 14.67 2.34
N ILE B 53 4.62 15.70 2.48
CA ILE B 53 5.91 15.56 3.16
C ILE B 53 5.70 15.75 4.67
N PRO B 54 6.25 14.87 5.52
CA PRO B 54 6.12 15.05 6.96
C PRO B 54 6.84 16.29 7.50
N LEU B 55 7.50 17.02 6.59
CA LEU B 55 8.17 18.30 6.85
C LEU B 55 8.66 18.51 8.28
N ASN B 56 7.85 19.18 9.09
CA ASN B 56 8.27 19.61 10.42
C ASN B 56 8.30 18.43 11.39
N LEU B 57 9.40 17.70 11.40
CA LEU B 57 9.59 16.61 12.35
C LEU B 57 10.08 17.21 13.67
N THR B 58 9.23 17.14 14.70
CA THR B 58 9.56 17.67 16.02
C THR B 58 9.13 16.64 17.06
N ASN B 59 9.43 16.87 18.34
CA ASN B 59 9.09 15.90 19.37
C ASN B 59 7.59 15.93 19.66
N GLN B 60 6.99 17.12 19.64
CA GLN B 60 5.53 17.19 19.71
C GLN B 60 4.91 16.76 18.38
N ARG B 61 5.48 17.21 17.26
CA ARG B 61 4.94 16.93 15.94
C ARG B 61 5.66 15.74 15.31
N LYS B 62 5.41 14.57 15.90
CA LYS B 62 5.93 13.31 15.37
C LYS B 62 4.84 12.26 15.49
N ASN B 63 4.68 11.46 14.44
CA ASN B 63 3.64 10.43 14.37
C ASN B 63 2.27 11.04 14.64
N THR B 64 2.03 12.20 14.04
CA THR B 64 0.76 12.90 14.22
C THR B 64 0.40 13.69 12.97
N MET B 65 -0.61 14.56 13.05
CA MET B 65 -1.07 15.33 11.92
C MET B 65 -0.42 16.70 11.81
N ASP B 66 0.05 17.27 12.93
CA ASP B 66 0.65 18.60 12.91
C ASP B 66 2.00 18.64 12.23
N MET B 67 2.65 17.48 12.02
CA MET B 67 3.98 17.48 11.42
C MET B 67 3.94 17.82 9.94
N TYR B 68 2.82 17.50 9.26
CA TYR B 68 2.73 17.69 7.82
C TYR B 68 2.69 19.16 7.41
N ARG B 69 2.52 20.08 8.35
CA ARG B 69 2.42 21.50 8.05
C ARG B 69 3.41 22.30 8.88
N VAL B 70 3.75 23.48 8.38
CA VAL B 70 4.59 24.43 9.08
C VAL B 70 3.85 25.77 9.10
N GLU B 71 3.72 26.35 10.30
CA GLU B 71 3.08 27.66 10.42
C GLU B 71 3.93 28.70 9.70
N LEU B 72 3.26 29.59 8.96
CA LEU B 72 3.95 30.49 8.04
C LEU B 72 3.92 31.95 8.51
N ASN B 73 3.41 32.21 9.71
CA ASN B 73 3.33 33.59 10.22
C ASN B 73 3.54 33.56 11.73
N ASP B 74 4.75 33.94 12.15
CA ASP B 74 5.07 34.12 13.56
C ASP B 74 4.83 35.57 13.94
N ALA B 75 5.24 36.05 15.11
CA ALA B 75 5.02 37.45 15.47
C ALA B 75 6.01 38.35 14.75
N ALA B 76 7.31 38.14 15.00
CA ALA B 76 8.35 38.92 14.34
C ALA B 76 9.19 38.09 13.38
N HIS B 77 8.90 36.80 13.25
CA HIS B 77 9.60 35.86 12.37
C HIS B 77 11.12 35.97 12.51
N SER B 78 11.85 35.60 11.46
CA SER B 78 13.30 35.63 11.50
C SER B 78 13.84 35.63 10.07
N ASP B 79 15.14 35.89 9.97
CA ASP B 79 15.86 35.83 8.69
C ASP B 79 16.61 34.50 8.54
N THR B 80 16.02 33.43 9.06
CA THR B 80 16.60 32.10 9.07
C THR B 80 15.69 31.16 8.31
N PRO B 81 16.23 30.04 7.80
CA PRO B 81 15.39 29.10 7.05
C PRO B 81 14.28 28.54 7.93
N ILE B 82 13.04 28.82 7.54
CA ILE B 82 11.90 28.28 8.27
C ILE B 82 11.82 26.77 8.11
N LEU B 83 12.12 26.26 6.91
CA LEU B 83 12.17 24.84 6.66
C LEU B 83 13.27 24.55 5.66
N CYS B 84 13.91 23.39 5.82
CA CYS B 84 15.01 22.98 4.95
C CYS B 84 14.82 21.52 4.57
N LEU B 85 14.96 21.22 3.28
CA LEU B 85 14.84 19.87 2.77
C LEU B 85 16.12 19.47 2.07
N SER B 86 16.54 18.23 2.29
CA SER B 86 17.74 17.68 1.68
C SER B 86 17.35 16.79 0.51
N LEU B 87 18.16 16.82 -0.55
CA LEU B 87 17.86 16.05 -1.75
C LEU B 87 18.32 14.61 -1.61
N SER B 88 17.90 13.95 -0.53
CA SER B 88 18.20 12.55 -0.27
C SER B 88 16.90 11.84 0.09
N PRO B 89 16.06 11.53 -0.90
CA PRO B 89 14.76 10.93 -0.60
C PRO B 89 14.83 9.62 0.17
N ALA B 90 15.86 8.82 -0.08
CA ALA B 90 16.01 7.54 0.63
C ALA B 90 16.75 7.68 1.96
N SER B 91 17.29 8.85 2.27
CA SER B 91 18.04 9.07 3.50
C SER B 91 17.41 10.11 4.41
N ASP B 92 16.83 11.16 3.85
CA ASP B 92 16.20 12.19 4.68
C ASP B 92 14.96 11.63 5.34
N PRO B 93 14.84 11.70 6.66
CA PRO B 93 13.59 11.25 7.31
C PRO B 93 12.36 11.99 6.84
N ARG B 94 12.51 13.27 6.44
CA ARG B 94 11.39 14.01 5.88
C ARG B 94 10.91 13.46 4.55
N LEU B 95 11.75 12.68 3.86
CA LEU B 95 11.38 12.10 2.57
C LEU B 95 11.45 10.58 2.53
N ALA B 96 12.01 9.94 3.54
CA ALA B 96 12.08 8.47 3.55
C ALA B 96 10.70 7.85 3.69
N HIS B 97 9.82 8.47 4.46
CA HIS B 97 8.48 7.92 4.71
C HIS B 97 7.50 8.24 3.59
N THR B 98 7.88 9.06 2.62
CA THR B 98 7.01 9.36 1.50
C THR B 98 6.96 8.18 0.54
N MET B 99 6.04 8.25 -0.42
CA MET B 99 5.90 7.18 -1.41
C MET B 99 7.19 7.02 -2.22
N LEU B 100 7.80 8.14 -2.61
CA LEU B 100 9.07 8.08 -3.33
C LEU B 100 10.14 7.41 -2.48
N GLY B 101 10.20 7.77 -1.19
CA GLY B 101 11.17 7.15 -0.31
C GLY B 101 10.93 5.67 -0.12
N GLU B 102 9.67 5.26 0.03
CA GLU B 102 9.36 3.84 0.17
C GLU B 102 9.73 3.07 -1.09
N ILE B 103 9.48 3.66 -2.27
CA ILE B 103 9.87 3.00 -3.51
C ILE B 103 11.39 2.89 -3.60
N LEU B 104 12.10 3.96 -3.24
CA LEU B 104 13.56 3.94 -3.34
C LEU B 104 14.20 3.01 -2.33
N ASN B 105 13.50 2.73 -1.22
CA ASN B 105 14.05 1.82 -0.22
C ASN B 105 14.22 0.41 -0.76
N TYR B 106 13.52 0.06 -1.84
CA TYR B 106 13.62 -1.27 -2.43
C TYR B 106 14.70 -1.36 -3.51
N TYR B 107 15.37 -0.26 -3.83
CA TYR B 107 16.36 -0.24 -4.91
C TYR B 107 17.62 0.44 -4.41
N THR B 108 18.78 -0.17 -4.67
CA THR B 108 20.04 0.41 -4.25
C THR B 108 20.35 1.71 -5.00
N HIS B 109 20.10 1.75 -6.30
CA HIS B 109 20.48 2.87 -7.14
C HIS B 109 19.24 3.57 -7.68
N TRP B 110 19.40 4.86 -8.00
CA TRP B 110 18.30 5.65 -8.52
C TRP B 110 18.85 6.75 -9.42
N ALA B 111 18.00 7.24 -10.32
CA ALA B 111 18.35 8.32 -11.22
C ALA B 111 17.07 9.04 -11.65
N GLY B 112 17.24 10.22 -12.21
CA GLY B 112 16.13 11.02 -12.70
C GLY B 112 15.92 12.27 -11.86
N SER B 113 15.07 13.14 -12.40
CA SER B 113 14.75 14.41 -11.75
C SER B 113 13.68 14.21 -10.68
N LEU B 114 13.52 15.23 -9.84
CA LEU B 114 12.53 15.22 -8.77
C LEU B 114 11.66 16.47 -8.89
N LYS B 115 10.44 16.36 -8.36
CA LYS B 115 9.48 17.45 -8.39
C LYS B 115 9.00 17.74 -6.97
N PHE B 116 9.05 19.01 -6.58
CA PHE B 116 8.58 19.45 -5.28
C PHE B 116 7.48 20.48 -5.46
N THR B 117 6.34 20.26 -4.83
CA THR B 117 5.19 21.15 -4.91
C THR B 117 4.83 21.65 -3.51
N PHE B 118 4.73 22.97 -3.38
CA PHE B 118 4.38 23.61 -2.11
C PHE B 118 3.13 24.44 -2.29
N LEU B 119 2.16 24.24 -1.41
CA LEU B 119 0.93 25.03 -1.40
C LEU B 119 0.62 25.43 0.04
N PHE B 120 0.21 26.68 0.23
CA PHE B 120 -0.14 27.20 1.55
C PHE B 120 -1.65 27.37 1.66
N CYS B 121 -2.18 27.12 2.86
CA CYS B 121 -3.61 27.11 3.10
C CYS B 121 -3.94 28.25 4.06
N GLY B 122 -4.40 29.37 3.51
CA GLY B 122 -4.77 30.51 4.32
C GLY B 122 -5.98 31.25 3.77
N SER B 123 -6.12 32.52 4.11
CA SER B 123 -7.22 33.34 3.62
C SER B 123 -6.86 33.98 2.29
N MET B 124 -7.88 34.22 1.47
CA MET B 124 -7.67 34.89 0.19
C MET B 124 -7.15 36.31 0.37
N MET B 125 -7.45 36.94 1.50
CA MET B 125 -7.06 38.32 1.75
C MET B 125 -5.62 38.46 2.22
N ALA B 126 -4.95 37.35 2.54
CA ALA B 126 -3.56 37.40 2.99
C ALA B 126 -2.64 37.71 1.80
N THR B 127 -1.72 38.64 2.01
CA THR B 127 -0.78 39.07 0.97
C THR B 127 0.63 39.05 1.51
N GLY B 128 1.56 38.56 0.68
CA GLY B 128 2.95 38.50 1.08
C GLY B 128 3.78 37.87 -0.02
N LYS B 129 5.08 37.76 0.26
CA LYS B 129 6.01 37.16 -0.68
C LYS B 129 6.94 36.21 0.07
N LEU B 130 7.33 35.13 -0.61
CA LEU B 130 8.24 34.15 -0.04
C LEU B 130 9.35 33.85 -1.04
N LEU B 131 10.51 33.49 -0.52
CA LEU B 131 11.69 33.18 -1.33
C LEU B 131 11.98 31.69 -1.22
N VAL B 132 12.02 31.02 -2.37
CA VAL B 132 12.33 29.60 -2.46
C VAL B 132 13.63 29.46 -3.26
N SER B 133 14.64 28.87 -2.64
CA SER B 133 15.96 28.74 -3.25
C SER B 133 16.38 27.28 -3.30
N TYR B 134 17.13 26.92 -4.33
CA TYR B 134 17.68 25.58 -4.52
C TYR B 134 19.19 25.66 -4.41
N ALA B 135 19.76 24.91 -3.47
CA ALA B 135 21.20 24.87 -3.29
C ALA B 135 21.79 23.80 -4.20
N PRO B 136 22.78 24.12 -5.02
CA PRO B 136 23.43 23.10 -5.86
C PRO B 136 24.10 22.05 -5.01
N PRO B 137 24.24 20.82 -5.52
CA PRO B 137 24.88 19.76 -4.74
C PRO B 137 26.32 20.14 -4.38
N GLY B 138 26.72 19.78 -3.16
CA GLY B 138 28.02 20.14 -2.64
C GLY B 138 28.10 21.52 -2.03
N ALA B 139 27.00 22.25 -1.98
CA ALA B 139 26.98 23.60 -1.41
C ALA B 139 26.14 23.59 -0.13
N GLU B 140 26.64 24.30 0.88
CA GLU B 140 25.92 24.38 2.15
C GLU B 140 24.60 25.12 1.97
N ALA B 141 23.59 24.70 2.72
CA ALA B 141 22.30 25.35 2.66
C ALA B 141 22.40 26.80 3.16
N PRO B 142 21.75 27.75 2.48
CA PRO B 142 21.85 29.14 2.91
C PRO B 142 21.32 29.34 4.32
N LYS B 143 21.99 30.23 5.06
CA LYS B 143 21.60 30.58 6.42
C LYS B 143 20.93 31.95 6.52
N SER B 144 20.73 32.63 5.38
CA SER B 144 20.14 33.95 5.38
C SER B 144 19.48 34.19 4.03
N ARG B 145 18.68 35.25 3.97
CA ARG B 145 17.99 35.58 2.72
C ARG B 145 18.96 35.97 1.62
N LYS B 146 20.03 36.70 1.96
CA LYS B 146 21.01 37.09 0.94
C LYS B 146 21.72 35.88 0.36
N GLU B 147 22.08 34.91 1.21
CA GLU B 147 22.74 33.70 0.72
C GLU B 147 21.84 32.93 -0.23
N ALA B 148 20.55 32.84 0.09
CA ALA B 148 19.60 32.22 -0.82
C ALA B 148 19.48 33.01 -2.11
N MET B 149 19.52 34.33 -2.02
CA MET B 149 19.47 35.19 -3.21
C MET B 149 20.70 35.02 -4.10
N LEU B 150 21.85 34.66 -3.53
CA LEU B 150 23.07 34.48 -4.32
C LEU B 150 23.00 33.28 -5.26
N GLY B 151 22.10 32.34 -5.03
CA GLY B 151 21.99 31.17 -5.88
C GLY B 151 20.70 31.11 -6.66
N THR B 152 20.40 29.94 -7.24
CA THR B 152 19.15 29.78 -7.97
C THR B 152 17.96 29.88 -7.03
N HIS B 153 17.00 30.73 -7.37
CA HIS B 153 15.87 31.00 -6.49
C HIS B 153 14.70 31.52 -7.30
N VAL B 154 13.52 31.46 -6.71
CA VAL B 154 12.30 32.00 -7.29
C VAL B 154 11.57 32.80 -6.21
N ILE B 155 10.70 33.70 -6.66
CA ILE B 155 9.90 34.53 -5.76
C ILE B 155 8.47 34.02 -5.80
N TRP B 156 7.97 33.60 -4.64
CA TRP B 156 6.62 33.06 -4.52
C TRP B 156 5.73 34.12 -3.87
N ASP B 157 4.64 34.45 -4.55
CA ASP B 157 3.74 35.52 -4.10
C ASP B 157 2.54 34.93 -3.38
N ILE B 158 2.25 35.44 -2.18
CA ILE B 158 1.06 35.05 -1.43
C ILE B 158 -0.08 35.93 -1.90
N GLY B 159 -1.09 35.33 -2.51
CA GLY B 159 -2.18 36.08 -3.11
C GLY B 159 -3.03 35.22 -4.02
N LEU B 160 -3.23 35.67 -5.27
CA LEU B 160 -3.96 34.86 -6.24
C LEU B 160 -3.26 33.53 -6.47
N GLN B 161 -1.93 33.55 -6.58
CA GLN B 161 -1.16 32.32 -6.68
C GLN B 161 -1.10 31.65 -5.31
N SER B 162 -1.41 30.35 -5.27
CA SER B 162 -1.43 29.60 -4.03
C SER B 162 -0.55 28.35 -4.04
N SER B 163 0.03 27.98 -5.18
CA SER B 163 0.87 26.80 -5.27
C SER B 163 2.13 27.13 -6.05
N CYS B 164 3.24 26.53 -5.63
CA CYS B 164 4.52 26.71 -6.30
C CYS B 164 5.13 25.33 -6.58
N THR B 165 5.52 25.10 -7.83
CA THR B 165 6.10 23.82 -8.24
C THR B 165 7.51 24.06 -8.75
N MET B 166 8.45 23.28 -8.22
CA MET B 166 9.85 23.35 -8.63
C MET B 166 10.34 21.95 -8.97
N VAL B 167 11.21 21.87 -9.98
CA VAL B 167 11.76 20.61 -10.46
C VAL B 167 13.27 20.65 -10.25
N VAL B 168 13.78 19.67 -9.52
CA VAL B 168 15.21 19.53 -9.27
C VAL B 168 15.80 18.68 -10.39
N PRO B 169 16.75 19.19 -11.17
CA PRO B 169 17.31 18.41 -12.28
C PRO B 169 18.23 17.31 -11.79
N TRP B 170 18.48 16.35 -12.68
CA TRP B 170 19.35 15.22 -12.39
C TRP B 170 20.80 15.67 -12.56
N ILE B 171 21.51 15.83 -11.45
CA ILE B 171 22.90 16.30 -11.44
C ILE B 171 23.72 15.27 -10.68
N SER B 172 24.41 14.39 -11.41
CA SER B 172 25.29 13.40 -10.81
C SER B 172 26.31 12.96 -11.84
N ASN B 173 27.55 12.73 -11.38
CA ASN B 173 28.60 12.29 -12.28
C ASN B 173 28.32 10.89 -12.84
N THR B 174 27.85 9.98 -11.99
CA THR B 174 27.51 8.63 -12.41
C THR B 174 26.08 8.58 -12.94
N THR B 175 25.78 7.52 -13.70
CA THR B 175 24.43 7.36 -14.22
C THR B 175 23.42 7.10 -13.11
N TYR B 176 23.80 6.30 -12.11
CA TYR B 176 22.95 6.01 -10.96
C TYR B 176 23.78 6.14 -9.69
N ARG B 177 23.18 6.71 -8.65
CA ARG B 177 23.82 6.85 -7.36
C ARG B 177 23.07 6.05 -6.31
N GLN B 178 23.80 5.65 -5.27
CA GLN B 178 23.26 4.77 -4.25
C GLN B 178 22.18 5.47 -3.42
N THR B 179 21.24 4.68 -2.93
CA THR B 179 20.18 5.17 -2.05
C THR B 179 20.59 5.05 -0.59
N ILE B 180 21.77 5.60 -0.29
CA ILE B 180 22.32 5.55 1.06
C ILE B 180 22.66 6.95 1.54
N GLY B 187 22.56 15.75 -2.52
CA GLY B 187 22.30 16.22 -3.88
C GLY B 187 21.71 17.61 -3.92
N GLY B 188 22.01 18.42 -2.90
CA GLY B 188 21.52 19.78 -2.80
C GLY B 188 20.49 19.92 -1.70
N TYR B 189 20.12 21.18 -1.46
CA TYR B 189 19.17 21.52 -0.42
C TYR B 189 18.09 22.41 -1.00
N ILE B 190 16.90 22.34 -0.40
CA ILE B 190 15.77 23.20 -0.74
C ILE B 190 15.35 23.91 0.53
N SER B 191 15.40 25.25 0.51
CA SER B 191 15.07 26.06 1.66
C SER B 191 14.15 27.21 1.25
N MET B 192 13.32 27.65 2.19
CA MET B 192 12.38 28.74 1.97
C MET B 192 12.68 29.88 2.95
N PHE B 193 12.49 31.11 2.48
CA PHE B 193 12.79 32.29 3.28
C PHE B 193 11.65 33.30 3.13
N TYR B 194 11.45 34.10 4.18
CA TYR B 194 10.56 35.25 4.09
C TYR B 194 11.17 36.30 3.18
N GLN B 195 10.34 36.95 2.38
CA GLN B 195 10.83 37.97 1.45
C GLN B 195 10.63 39.38 2.00
N THR B 196 9.39 39.79 2.24
CA THR B 196 9.11 41.08 2.88
C THR B 196 8.38 40.91 4.21
N ARG B 197 7.18 40.31 4.20
CA ARG B 197 6.34 40.15 5.38
C ARG B 197 5.07 39.42 4.93
N VAL B 198 4.24 39.08 5.91
CA VAL B 198 2.90 38.55 5.67
C VAL B 198 1.92 39.58 6.22
N VAL B 199 1.05 40.11 5.35
CA VAL B 199 0.13 41.17 5.70
C VAL B 199 -1.29 40.63 5.61
N VAL B 200 -2.07 40.82 6.67
CA VAL B 200 -3.45 40.35 6.71
C VAL B 200 -4.37 41.50 7.09
N PRO B 201 -5.63 41.49 6.65
CA PRO B 201 -6.57 42.55 7.05
C PRO B 201 -7.15 42.34 8.44
N LEU B 202 -8.15 43.16 8.78
CA LEU B 202 -8.75 43.21 10.12
C LEU B 202 -9.11 41.81 10.60
N SER B 203 -8.56 41.43 11.75
CA SER B 203 -8.91 40.20 12.47
C SER B 203 -8.70 38.94 11.65
N THR B 204 -7.98 39.04 10.54
CA THR B 204 -7.70 37.86 9.74
C THR B 204 -6.72 36.95 10.49
N PRO B 205 -6.97 35.63 10.55
CA PRO B 205 -6.05 34.74 11.26
C PRO B 205 -4.62 34.85 10.79
N ARG B 206 -3.69 34.98 11.73
CA ARG B 206 -2.26 35.15 11.44
C ARG B 206 -1.48 33.86 11.69
N LYS B 207 -2.13 32.71 11.56
CA LYS B 207 -1.49 31.42 11.81
C LYS B 207 -1.88 30.45 10.69
N MET B 208 -1.77 30.91 9.44
CA MET B 208 -2.03 30.05 8.30
C MET B 208 -0.90 29.02 8.16
N ASP B 209 -1.15 27.98 7.38
CA ASP B 209 -0.26 26.83 7.29
C ASP B 209 0.08 26.53 5.84
N ILE B 210 1.17 25.79 5.65
CA ILE B 210 1.67 25.43 4.33
C ILE B 210 1.83 23.91 4.29
N LEU B 211 1.75 23.35 3.09
CA LEU B 211 1.91 21.91 2.88
C LEU B 211 2.92 21.67 1.77
N GLY B 212 3.69 20.58 1.93
CA GLY B 212 4.70 20.22 0.96
C GLY B 212 4.43 18.86 0.35
N PHE B 213 4.72 18.73 -0.94
CA PHE B 213 4.53 17.48 -1.66
C PHE B 213 5.77 17.17 -2.47
N VAL B 214 6.06 15.88 -2.61
CA VAL B 214 7.23 15.41 -3.35
C VAL B 214 6.80 14.29 -4.29
N SER B 215 7.35 14.29 -5.50
CA SER B 215 7.02 13.28 -6.49
C SER B 215 8.20 13.15 -7.46
N ALA B 216 8.21 12.04 -8.20
CA ALA B 216 9.23 11.77 -9.19
C ALA B 216 8.79 12.22 -10.58
N CYS B 217 9.77 12.45 -11.44
CA CYS B 217 9.52 12.89 -12.80
C CYS B 217 9.42 11.71 -13.75
N ASN B 218 9.17 12.01 -15.02
CA ASN B 218 9.02 10.96 -16.03
C ASN B 218 10.34 10.25 -16.34
N ASP B 219 11.47 10.87 -16.04
CA ASP B 219 12.77 10.29 -16.30
C ASP B 219 13.29 9.43 -15.15
N PHE B 220 12.49 9.23 -14.11
CA PHE B 220 12.93 8.46 -12.96
C PHE B 220 13.14 6.99 -13.33
N SER B 221 14.19 6.40 -12.79
CA SER B 221 14.49 4.99 -13.03
C SER B 221 15.34 4.46 -11.89
N VAL B 222 15.18 3.17 -11.59
CA VAL B 222 15.93 2.49 -10.53
C VAL B 222 16.39 1.14 -11.07
N ARG B 223 17.41 0.58 -10.40
CA ARG B 223 17.95 -0.72 -10.76
C ARG B 223 18.44 -1.41 -9.49
N LEU B 224 18.75 -2.71 -9.63
CA LEU B 224 19.33 -3.53 -8.56
C LEU B 224 18.40 -3.56 -7.34
N LEU B 225 17.24 -4.18 -7.55
CA LEU B 225 16.23 -4.30 -6.50
C LEU B 225 16.81 -4.98 -5.27
N ARG B 226 16.49 -4.44 -4.10
CA ARG B 226 16.95 -4.96 -2.82
C ARG B 226 15.75 -5.14 -1.89
N ASP B 227 16.03 -5.52 -0.65
CA ASP B 227 15.00 -5.67 0.35
C ASP B 227 14.72 -4.34 1.06
N THR B 228 13.60 -4.29 1.76
CA THR B 228 13.20 -3.09 2.48
C THR B 228 13.59 -3.17 3.94
N THR B 229 13.76 -2.01 4.56
CA THR B 229 14.14 -1.92 5.96
C THR B 229 12.94 -1.99 6.91
N HIS B 230 11.82 -1.38 6.54
CA HIS B 230 10.65 -1.34 7.40
C HIS B 230 10.07 -2.74 7.59
N ILE B 231 9.74 -3.06 8.85
CA ILE B 231 9.09 -4.32 9.23
C ILE B 231 9.98 -5.50 8.85
N SER B 232 10.90 -5.86 9.73
CA SER B 232 11.77 -7.00 9.53
C SER B 232 11.97 -7.74 10.85
N GLN B 233 11.50 -8.98 10.91
CA GLN B 233 11.62 -9.78 12.12
C GLN B 233 12.14 -11.17 11.82
N GLU B 234 12.06 -11.58 10.55
CA GLU B 234 12.53 -12.91 10.16
C GLU B 234 14.04 -12.99 10.27
N ALA B 235 14.53 -14.06 10.88
CA ALA B 235 15.96 -14.26 11.05
C ALA B 235 16.36 -15.70 10.74
N ARG C 62 -30.59 10.38 -10.19
CA ARG C 62 -30.76 11.60 -9.40
C ARG C 62 -29.62 11.76 -8.40
N PHE C 63 -29.61 12.90 -7.71
CA PHE C 63 -28.59 13.21 -6.72
C PHE C 63 -29.16 13.01 -5.32
N TYR C 64 -28.42 12.28 -4.48
CA TYR C 64 -28.83 12.00 -3.11
C TYR C 64 -27.88 12.71 -2.17
N THR C 65 -28.43 13.53 -1.27
CA THR C 65 -27.65 14.34 -0.35
C THR C 65 -27.70 13.72 1.03
N LEU C 66 -26.52 13.42 1.60
CA LEU C 66 -26.42 12.91 2.95
C LEU C 66 -26.55 14.04 3.97
N ASP C 67 -26.59 13.66 5.24
CA ASP C 67 -26.70 14.65 6.30
C ASP C 67 -25.45 15.54 6.33
N THR C 68 -25.66 16.83 6.60
CA THR C 68 -24.56 17.78 6.59
C THR C 68 -23.75 17.68 7.87
N VAL C 69 -22.43 17.51 7.72
CA VAL C 69 -21.53 17.51 8.85
C VAL C 69 -20.93 18.89 9.01
N THR C 70 -20.52 19.22 10.24
CA THR C 70 -20.02 20.54 10.57
C THR C 70 -18.52 20.47 10.83
N TRP C 71 -17.77 21.36 10.22
CA TRP C 71 -16.33 21.45 10.43
C TRP C 71 -16.04 22.31 11.66
N ARG C 72 -15.24 21.78 12.57
CA ARG C 72 -14.83 22.48 13.79
C ARG C 72 -13.33 22.71 13.75
N LYS C 73 -12.82 23.38 14.79
CA LYS C 73 -11.39 23.56 14.96
C LYS C 73 -10.73 22.37 15.64
N GLU C 74 -11.52 21.40 16.09
CA GLU C 74 -11.00 20.19 16.73
C GLU C 74 -11.45 18.93 16.01
N SER C 75 -11.98 19.07 14.79
CA SER C 75 -12.44 17.92 14.03
C SER C 75 -11.26 17.15 13.46
N ARG C 76 -11.29 15.82 13.63
CA ARG C 76 -10.23 14.95 13.16
C ARG C 76 -10.55 14.31 11.81
N GLY C 77 -11.69 14.62 11.22
CA GLY C 77 -12.08 14.07 9.94
C GLY C 77 -13.31 13.19 10.04
N TRP C 78 -13.85 12.85 8.87
CA TRP C 78 -15.04 12.03 8.75
C TRP C 78 -14.81 10.99 7.66
N TRP C 79 -15.53 9.87 7.77
CA TRP C 79 -15.44 8.79 6.80
C TRP C 79 -16.81 8.21 6.54
N TRP C 80 -17.02 7.77 5.29
CA TRP C 80 -18.27 7.14 4.88
C TRP C 80 -17.95 5.90 4.05
N LYS C 81 -18.93 5.00 3.97
CA LYS C 81 -18.81 3.78 3.21
C LYS C 81 -19.92 3.70 2.16
N LEU C 82 -19.58 3.21 0.98
CA LEU C 82 -20.53 3.05 -0.10
C LEU C 82 -20.60 1.61 -0.55
N PRO C 83 -21.79 1.11 -0.92
CA PRO C 83 -23.06 1.84 -0.90
C PRO C 83 -23.77 1.79 0.45
N ASP C 84 -22.99 1.72 1.53
CA ASP C 84 -23.58 1.68 2.87
C ASP C 84 -24.33 2.97 3.18
N ALA C 85 -23.80 4.12 2.77
CA ALA C 85 -24.45 5.39 3.07
C ALA C 85 -25.76 5.55 2.31
N LEU C 86 -25.93 4.82 1.20
CA LEU C 86 -27.13 4.94 0.38
C LEU C 86 -28.11 3.80 0.59
N LYS C 87 -27.97 3.05 1.68
CA LYS C 87 -28.86 1.90 1.91
C LYS C 87 -30.29 2.34 2.16
N ASP C 88 -30.48 3.51 2.78
CA ASP C 88 -31.81 4.03 3.07
C ASP C 88 -32.15 5.25 2.22
N MET C 89 -31.40 5.51 1.16
CA MET C 89 -31.61 6.71 0.34
C MET C 89 -32.63 6.43 -0.76
N GLY C 90 -33.88 6.28 -0.33
CA GLY C 90 -35.00 6.26 -1.24
C GLY C 90 -34.94 5.14 -2.27
N LEU C 91 -35.09 5.53 -3.54
CA LEU C 91 -35.26 4.57 -4.62
C LEU C 91 -34.01 3.69 -4.80
N PHE C 92 -32.83 4.30 -4.73
CA PHE C 92 -31.59 3.52 -4.89
C PHE C 92 -31.45 2.50 -3.76
N GLY C 93 -31.72 2.92 -2.52
CA GLY C 93 -31.68 1.98 -1.41
C GLY C 93 -32.69 0.86 -1.55
N GLN C 94 -33.90 1.20 -2.00
CA GLN C 94 -34.92 0.17 -2.21
C GLN C 94 -34.48 -0.84 -3.27
N ASN C 95 -33.89 -0.35 -4.37
CA ASN C 95 -33.42 -1.25 -5.41
C ASN C 95 -32.30 -2.14 -4.91
N MET C 96 -31.34 -1.57 -4.17
CA MET C 96 -30.21 -2.38 -3.70
C MET C 96 -30.66 -3.37 -2.63
N PHE C 97 -31.73 -3.05 -1.89
CA PHE C 97 -32.29 -4.00 -0.93
C PHE C 97 -33.11 -5.08 -1.61
N TYR C 98 -33.77 -4.77 -2.72
CA TYR C 98 -34.66 -5.72 -3.39
C TYR C 98 -33.93 -6.67 -4.33
N HIS C 99 -32.63 -6.48 -4.56
CA HIS C 99 -31.88 -7.29 -5.50
C HIS C 99 -30.71 -7.95 -4.79
N TYR C 100 -30.45 -9.21 -5.12
CA TYR C 100 -29.35 -9.95 -4.53
C TYR C 100 -28.00 -9.51 -5.07
N LEU C 101 -27.94 -9.13 -6.35
CA LEU C 101 -26.71 -8.70 -6.99
C LEU C 101 -26.92 -7.35 -7.65
N GLY C 102 -25.84 -6.57 -7.74
CA GLY C 102 -25.93 -5.25 -8.34
C GLY C 102 -24.57 -4.71 -8.72
N ARG C 103 -24.61 -3.62 -9.49
CA ARG C 103 -23.40 -2.94 -9.92
C ARG C 103 -23.76 -1.51 -10.30
N ALA C 104 -23.01 -0.54 -9.78
CA ALA C 104 -23.27 0.87 -10.07
C ALA C 104 -22.05 1.68 -9.67
N GLY C 105 -21.76 2.70 -10.48
CA GLY C 105 -20.71 3.66 -10.15
C GLY C 105 -21.24 4.77 -9.25
N TYR C 106 -20.33 5.66 -8.86
CA TYR C 106 -20.66 6.75 -7.96
C TYR C 106 -20.01 8.03 -8.44
N THR C 107 -20.72 9.14 -8.22
CA THR C 107 -20.19 10.49 -8.44
C THR C 107 -20.26 11.24 -7.12
N VAL C 108 -19.11 11.67 -6.62
CA VAL C 108 -19.00 12.26 -5.29
C VAL C 108 -18.78 13.76 -5.45
N HIS C 109 -19.61 14.56 -4.78
CA HIS C 109 -19.48 16.01 -4.76
C HIS C 109 -19.44 16.46 -3.31
N VAL C 110 -18.40 17.22 -2.95
CA VAL C 110 -18.21 17.73 -1.60
C VAL C 110 -18.29 19.25 -1.67
N GLN C 111 -19.19 19.83 -0.89
CA GLN C 111 -19.40 21.27 -0.87
C GLN C 111 -19.06 21.80 0.53
N CYS C 112 -18.24 22.84 0.57
CA CYS C 112 -17.84 23.49 1.82
C CYS C 112 -18.38 24.91 1.81
N ASN C 113 -19.35 25.19 2.68
CA ASN C 113 -19.97 26.51 2.78
C ASN C 113 -19.12 27.38 3.69
N ALA C 114 -18.00 27.85 3.15
CA ALA C 114 -17.06 28.70 3.88
C ALA C 114 -16.96 30.05 3.20
N SER C 115 -16.77 31.09 4.01
CA SER C 115 -16.65 32.45 3.52
C SER C 115 -15.21 32.74 3.08
N LYS C 116 -14.98 33.98 2.65
CA LYS C 116 -13.64 34.37 2.20
C LYS C 116 -12.67 34.57 3.35
N PHE C 117 -13.17 34.72 4.57
CA PHE C 117 -12.33 34.95 5.74
C PHE C 117 -11.97 33.68 6.49
N HIS C 118 -12.35 32.51 5.97
CA HIS C 118 -12.11 31.25 6.65
C HIS C 118 -10.84 30.59 6.10
N GLN C 119 -10.12 29.91 6.99
CA GLN C 119 -8.86 29.27 6.66
C GLN C 119 -8.96 27.77 6.89
N GLY C 120 -8.17 27.02 6.13
CA GLY C 120 -8.13 25.57 6.25
C GLY C 120 -8.19 24.89 4.90
N ALA C 121 -7.98 23.58 4.94
CA ALA C 121 -8.04 22.76 3.74
C ALA C 121 -8.65 21.41 4.09
N LEU C 122 -9.32 20.80 3.12
CA LEU C 122 -9.97 19.52 3.30
C LEU C 122 -9.48 18.53 2.25
N GLY C 123 -9.20 17.30 2.68
CA GLY C 123 -8.74 16.27 1.77
C GLY C 123 -9.75 15.16 1.57
N VAL C 124 -10.34 15.08 0.39
CA VAL C 124 -11.33 14.06 0.05
C VAL C 124 -10.62 12.93 -0.67
N PHE C 125 -10.70 11.72 -0.12
CA PHE C 125 -10.04 10.55 -0.68
C PHE C 125 -11.06 9.48 -0.99
N ALA C 126 -10.94 8.86 -2.16
CA ALA C 126 -11.77 7.74 -2.57
C ALA C 126 -10.94 6.47 -2.44
N VAL C 127 -11.23 5.68 -1.42
CA VAL C 127 -10.45 4.50 -1.07
C VAL C 127 -11.25 3.26 -1.44
N PRO C 128 -10.79 2.47 -2.40
CA PRO C 128 -11.46 1.19 -2.70
C PRO C 128 -11.15 0.16 -1.62
N GLU C 129 -12.19 -0.51 -1.12
CA GLU C 129 -12.06 -1.50 -0.04
C GLU C 129 -11.41 -0.86 1.19
N MET C 130 -12.08 0.15 1.72
CA MET C 130 -11.57 0.91 2.88
C MET C 130 -11.77 0.09 4.15
N CYS C 131 -10.89 -0.89 4.33
CA CYS C 131 -10.93 -1.73 5.52
C CYS C 131 -10.39 -0.96 6.72
N LEU C 132 -11.11 -1.03 7.84
CA LEU C 132 -10.74 -0.35 9.06
C LEU C 132 -10.45 -1.37 10.15
N ALA C 133 -9.41 -1.10 10.94
CA ALA C 133 -9.03 -2.00 12.03
C ALA C 133 -10.04 -1.93 13.17
N ASN C 148 -20.96 -0.19 10.49
CA ASN C 148 -21.74 0.35 9.39
C ASN C 148 -22.74 1.40 9.89
N PRO C 149 -22.23 2.60 10.20
CA PRO C 149 -23.13 3.64 10.73
C PRO C 149 -24.24 4.04 9.77
N GLY C 150 -23.98 4.04 8.46
CA GLY C 150 -25.00 4.38 7.49
C GLY C 150 -24.85 5.77 6.91
N GLU C 151 -25.89 6.60 7.10
CA GLU C 151 -25.90 7.93 6.51
C GLU C 151 -24.85 8.83 7.14
N LYS C 152 -24.78 8.85 8.48
CA LYS C 152 -23.90 9.77 9.18
C LYS C 152 -22.43 9.36 9.14
N GLY C 153 -22.13 8.08 8.88
CA GLY C 153 -20.75 7.65 8.88
C GLY C 153 -20.12 7.76 10.25
N GLY C 154 -18.81 8.02 10.28
CA GLY C 154 -18.09 8.15 11.53
C GLY C 154 -17.04 9.23 11.51
N GLU C 155 -16.32 9.38 12.62
CA GLU C 155 -15.28 10.39 12.74
C GLU C 155 -13.98 9.73 13.18
N PHE C 156 -12.87 10.36 12.81
CA PHE C 156 -11.55 9.85 13.16
C PHE C 156 -11.18 10.28 14.59
N LYS C 157 -10.18 9.60 15.15
CA LYS C 157 -9.75 9.82 16.52
C LYS C 157 -8.32 10.36 16.51
N GLY C 158 -8.10 11.41 17.32
CA GLY C 158 -6.78 12.04 17.36
C GLY C 158 -5.69 11.12 17.86
N SER C 159 -5.97 10.32 18.89
CA SER C 159 -4.96 9.42 19.44
C SER C 159 -5.28 7.97 19.08
N CYS C 174 -13.78 4.18 15.56
CA CYS C 174 -12.95 5.35 15.83
C CYS C 174 -11.53 5.16 15.30
N PRO C 175 -11.36 5.28 13.98
CA PRO C 175 -10.03 5.11 13.39
C PRO C 175 -9.13 6.31 13.63
N VAL C 176 -7.83 6.05 13.59
CA VAL C 176 -6.84 7.10 13.80
C VAL C 176 -6.67 7.90 12.51
N ASP C 177 -6.67 9.23 12.63
CA ASP C 177 -6.66 10.08 11.45
C ASP C 177 -5.33 9.99 10.70
N TYR C 178 -4.22 10.09 11.42
CA TYR C 178 -2.91 10.04 10.76
C TYR C 178 -2.52 8.62 10.36
N LEU C 179 -3.15 7.61 10.96
CA LEU C 179 -2.94 6.23 10.55
C LEU C 179 -3.93 5.78 9.47
N PHE C 180 -4.88 6.64 9.10
CA PHE C 180 -5.82 6.39 8.01
C PHE C 180 -6.66 5.14 8.26
N GLY C 181 -6.78 4.71 9.51
CA GLY C 181 -7.56 3.53 9.83
C GLY C 181 -6.94 2.22 9.42
N SER C 182 -5.70 2.23 8.89
CA SER C 182 -5.06 1.00 8.47
C SER C 182 -3.57 0.96 8.84
N GLY C 183 -3.15 1.78 9.81
CA GLY C 183 -1.75 1.83 10.18
C GLY C 183 -0.83 2.34 9.10
N VAL C 184 -1.29 3.34 8.34
CA VAL C 184 -0.53 3.91 7.24
C VAL C 184 -0.49 5.42 7.42
N LEU C 185 0.70 6.01 7.27
CA LEU C 185 0.85 7.45 7.42
C LEU C 185 -0.07 8.20 6.45
N ALA C 186 -0.68 9.27 6.94
CA ALA C 186 -1.64 10.02 6.14
C ALA C 186 -1.00 10.69 4.93
N GLY C 187 0.32 10.89 4.94
CA GLY C 187 0.97 11.47 3.79
C GLY C 187 0.87 10.61 2.54
N ASN C 188 0.91 9.29 2.73
CA ASN C 188 0.83 8.36 1.60
C ASN C 188 -0.60 8.08 1.15
N ALA C 189 -1.60 8.66 1.82
CA ALA C 189 -2.99 8.43 1.44
C ALA C 189 -3.35 9.06 0.11
N PHE C 190 -2.48 9.92 -0.43
CA PHE C 190 -2.75 10.58 -1.71
C PHE C 190 -2.61 9.64 -2.90
N VAL C 191 -2.14 8.41 -2.69
CA VAL C 191 -2.03 7.45 -3.79
C VAL C 191 -3.41 7.12 -4.36
N TYR C 192 -4.43 7.13 -3.50
CA TYR C 192 -5.80 6.97 -3.97
C TYR C 192 -6.23 8.19 -4.77
N PRO C 193 -7.22 8.03 -5.64
CA PRO C 193 -7.81 9.22 -6.28
C PRO C 193 -8.33 10.18 -5.23
N HIS C 194 -8.01 11.46 -5.40
CA HIS C 194 -8.28 12.43 -4.34
C HIS C 194 -8.46 13.81 -4.94
N GLN C 195 -9.07 14.70 -4.15
CA GLN C 195 -9.20 16.10 -4.47
C GLN C 195 -8.88 16.91 -3.22
N ILE C 196 -8.35 18.11 -3.43
CA ILE C 196 -7.95 19.01 -2.35
C ILE C 196 -8.84 20.22 -2.39
N ILE C 197 -9.54 20.49 -1.29
CA ILE C 197 -10.42 21.64 -1.17
C ILE C 197 -9.70 22.68 -0.32
N ASN C 198 -9.06 23.64 -0.99
CA ASN C 198 -8.38 24.74 -0.33
C ASN C 198 -9.31 25.95 -0.33
N LEU C 199 -9.67 26.43 0.86
CA LEU C 199 -10.66 27.49 0.98
C LEU C 199 -10.24 28.77 0.28
N ARG C 200 -8.95 28.98 0.06
CA ARG C 200 -8.50 30.17 -0.64
C ARG C 200 -8.55 30.02 -2.16
N THR C 201 -8.83 28.84 -2.67
CA THR C 201 -8.92 28.63 -4.12
C THR C 201 -10.28 28.10 -4.56
N ASN C 202 -10.88 27.19 -3.81
CA ASN C 202 -12.16 26.60 -4.21
C ASN C 202 -12.92 26.18 -2.96
N ASN C 203 -14.24 26.05 -3.10
CA ASN C 203 -15.10 25.61 -2.02
C ASN C 203 -15.87 24.35 -2.37
N CYS C 204 -15.51 23.68 -3.45
CA CYS C 204 -16.19 22.46 -3.86
C CYS C 204 -15.23 21.58 -4.64
N ALA C 205 -15.54 20.29 -4.68
CA ALA C 205 -14.74 19.33 -5.42
C ALA C 205 -15.64 18.21 -5.91
N THR C 206 -15.22 17.56 -7.00
CA THR C 206 -15.96 16.47 -7.59
C THR C 206 -15.05 15.27 -7.78
N LEU C 207 -15.63 14.08 -7.73
CA LEU C 207 -14.90 12.83 -7.89
C LEU C 207 -15.73 11.84 -8.69
N VAL C 208 -15.07 11.06 -9.53
CA VAL C 208 -15.72 10.01 -10.32
C VAL C 208 -15.20 8.67 -9.82
N LEU C 209 -16.11 7.82 -9.35
CA LEU C 209 -15.73 6.54 -8.77
C LEU C 209 -16.23 5.40 -9.66
N PRO C 210 -15.37 4.77 -10.45
CA PRO C 210 -15.80 3.61 -11.23
C PRO C 210 -15.98 2.39 -10.35
N TYR C 211 -16.73 1.42 -10.87
CA TYR C 211 -16.98 0.19 -10.13
C TYR C 211 -15.68 -0.59 -9.97
N VAL C 212 -15.33 -0.91 -8.72
CA VAL C 212 -14.11 -1.63 -8.40
C VAL C 212 -14.47 -2.82 -7.53
N ASN C 213 -14.13 -4.02 -8.00
CA ASN C 213 -14.37 -5.26 -7.26
C ASN C 213 -13.66 -6.38 -7.99
N SER C 214 -13.55 -7.52 -7.32
CA SER C 214 -12.96 -8.72 -7.92
C SER C 214 -13.96 -9.53 -8.72
N LEU C 215 -15.22 -9.10 -8.80
CA LEU C 215 -16.25 -9.78 -9.56
C LEU C 215 -16.97 -8.77 -10.45
N SER C 216 -17.49 -9.26 -11.57
CA SER C 216 -18.24 -8.40 -12.48
C SER C 216 -19.50 -7.86 -11.81
N ILE C 217 -20.22 -8.71 -11.08
CA ILE C 217 -21.41 -8.31 -10.34
C ILE C 217 -21.33 -8.91 -8.95
N ASP C 218 -21.82 -8.17 -7.95
CA ASP C 218 -21.74 -8.61 -6.57
C ASP C 218 -22.90 -8.01 -5.79
N SER C 219 -23.11 -8.54 -4.59
CA SER C 219 -24.19 -8.05 -3.73
C SER C 219 -23.92 -6.60 -3.33
N MET C 220 -25.01 -5.82 -3.23
CA MET C 220 -24.93 -4.41 -2.89
C MET C 220 -25.13 -4.14 -1.41
N THR C 221 -25.30 -5.16 -0.59
CA THR C 221 -25.61 -4.98 0.82
C THR C 221 -24.49 -5.38 1.77
N LYS C 222 -23.92 -6.57 1.61
CA LYS C 222 -22.91 -7.06 2.54
C LYS C 222 -21.48 -6.75 2.09
N HIS C 223 -21.30 -6.00 1.01
CA HIS C 223 -19.98 -5.63 0.52
C HIS C 223 -19.92 -4.12 0.34
N ASN C 224 -18.85 -3.50 0.85
CA ASN C 224 -18.63 -2.08 0.70
C ASN C 224 -17.67 -1.84 -0.47
N ASN C 225 -18.19 -1.33 -1.58
CA ASN C 225 -17.37 -1.17 -2.78
C ASN C 225 -16.39 -0.01 -2.63
N TRP C 226 -16.85 1.12 -2.08
CA TRP C 226 -16.04 2.32 -2.02
C TRP C 226 -16.17 2.96 -0.63
N GLY C 227 -15.16 3.74 -0.28
CA GLY C 227 -15.19 4.49 0.96
C GLY C 227 -14.74 5.92 0.72
N ILE C 228 -15.43 6.86 1.37
CA ILE C 228 -15.17 8.28 1.23
C ILE C 228 -14.61 8.78 2.55
N ALA C 229 -13.41 9.36 2.50
CA ALA C 229 -12.74 9.91 3.67
C ALA C 229 -12.41 11.37 3.43
N ILE C 230 -12.84 12.24 4.35
CA ILE C 230 -12.55 13.66 4.31
C ILE C 230 -11.69 13.98 5.51
N LEU C 231 -10.50 14.53 5.27
CA LEU C 231 -9.57 14.78 6.35
C LEU C 231 -9.21 16.26 6.44
N PRO C 232 -9.01 16.79 7.65
CA PRO C 232 -8.60 18.19 7.79
C PRO C 232 -7.10 18.38 7.57
N LEU C 233 -6.69 18.53 6.30
CA LEU C 233 -5.28 18.73 5.99
C LEU C 233 -4.73 19.97 6.68
N ALA C 234 -5.56 20.98 6.90
CA ALA C 234 -5.19 22.17 7.64
C ALA C 234 -6.23 22.47 8.70
N PRO C 235 -5.81 22.91 9.88
CA PRO C 235 -6.78 23.24 10.94
C PRO C 235 -7.69 24.38 10.51
N LEU C 236 -8.95 24.30 10.96
CA LEU C 236 -9.93 25.32 10.65
C LEU C 236 -9.67 26.56 11.49
N ASP C 237 -9.64 27.71 10.83
CA ASP C 237 -9.46 28.99 11.50
C ASP C 237 -10.34 30.02 10.83
N PHE C 238 -10.70 31.05 11.60
CA PHE C 238 -11.59 32.09 11.10
C PHE C 238 -11.31 33.38 11.85
N ALA C 239 -11.79 34.48 11.26
CA ALA C 239 -11.68 35.78 11.92
C ALA C 239 -12.51 35.79 13.20
N THR C 240 -12.09 36.64 14.14
CA THR C 240 -12.76 36.76 15.43
C THR C 240 -13.95 37.70 15.27
N GLU C 241 -14.79 37.39 14.28
CA GLU C 241 -15.97 38.19 14.00
C GLU C 241 -17.25 37.39 14.19
N SER C 242 -17.34 36.24 13.53
CA SER C 242 -18.55 35.42 13.61
C SER C 242 -18.30 33.97 13.19
N SER C 243 -19.31 33.12 13.39
CA SER C 243 -19.31 31.71 13.00
C SER C 243 -18.30 30.87 13.78
N THR C 244 -18.63 29.60 13.99
CA THR C 244 -17.74 28.68 14.68
C THR C 244 -17.66 27.35 13.93
N GLU C 245 -18.71 27.03 13.16
CA GLU C 245 -18.83 25.74 12.51
C GLU C 245 -19.11 25.96 11.02
N ILE C 246 -18.30 25.34 10.16
CA ILE C 246 -18.53 25.42 8.72
C ILE C 246 -19.28 24.17 8.26
N PRO C 247 -20.49 24.31 7.73
CA PRO C 247 -21.22 23.13 7.23
C PRO C 247 -20.53 22.50 6.04
N ILE C 248 -20.62 21.18 5.96
CA ILE C 248 -20.03 20.41 4.87
C ILE C 248 -21.12 19.50 4.30
N THR C 249 -21.37 19.61 2.99
CA THR C 249 -22.41 18.86 2.32
C THR C 249 -21.79 17.81 1.41
N LEU C 250 -22.24 16.57 1.54
CA LEU C 250 -21.77 15.46 0.73
C LEU C 250 -22.93 14.95 -0.11
N THR C 251 -22.75 14.97 -1.43
CA THR C 251 -23.77 14.51 -2.38
C THR C 251 -23.17 13.38 -3.22
N ILE C 252 -23.87 12.25 -3.27
CA ILE C 252 -23.43 11.08 -4.02
C ILE C 252 -24.53 10.67 -4.97
N ALA C 253 -24.20 10.55 -6.25
CA ALA C 253 -25.16 10.18 -7.29
C ALA C 253 -24.72 8.90 -7.96
N PRO C 254 -25.53 7.83 -7.92
CA PRO C 254 -25.14 6.59 -8.58
C PRO C 254 -25.19 6.71 -10.10
N MET C 255 -24.40 5.86 -10.76
CA MET C 255 -24.35 5.84 -12.21
C MET C 255 -24.05 4.42 -12.67
N CYS C 256 -24.43 4.14 -13.92
CA CYS C 256 -24.26 2.82 -14.53
C CYS C 256 -24.86 1.72 -13.65
N CYS C 257 -26.09 1.97 -13.20
CA CYS C 257 -26.76 1.07 -12.27
C CYS C 257 -27.23 -0.18 -12.99
N GLU C 258 -26.88 -1.34 -12.44
CA GLU C 258 -27.35 -2.62 -12.94
C GLU C 258 -27.79 -3.48 -11.75
N PHE C 259 -28.91 -4.18 -11.91
CA PHE C 259 -29.47 -4.99 -10.83
C PHE C 259 -29.95 -6.32 -11.39
N ASN C 260 -29.70 -7.39 -10.64
CA ASN C 260 -30.14 -8.72 -11.02
C ASN C 260 -30.47 -9.51 -9.75
N GLY C 261 -31.28 -10.55 -9.92
CA GLY C 261 -31.67 -11.38 -8.80
C GLY C 261 -32.72 -10.74 -7.91
N LEU C 262 -33.90 -10.46 -8.48
CA LEU C 262 -34.97 -9.84 -7.72
C LEU C 262 -35.47 -10.79 -6.64
N ARG C 263 -35.71 -10.25 -5.45
CA ARG C 263 -36.20 -11.03 -4.33
C ARG C 263 -37.37 -10.33 -3.63
#